data_1ONM
#
_entry.id   1ONM
#
loop_
_entity.id
_entity.type
_entity.pdbx_description
1 polymer "5'-D(*GP*CP*TP*TP*CP*AP*GP*TP*CP*GP*T)-3'"
2 polymer "5'-D(*AP*CP*GP*AP*CP*GP*GP*AP*AP*GP*C)-3'"
#
loop_
_entity_poly.entity_id
_entity_poly.type
_entity_poly.pdbx_seq_one_letter_code
_entity_poly.pdbx_strand_id
1 'polydeoxyribonucleotide' (DG)(DC)(DT)(DT)(DC)(DA)(DG)(DT)(DC)(DG)(DT) A
2 'polydeoxyribonucleotide' (DA)(DC)(DG)(DA)(DC)(DG)(DG)(DA)(DA)(DG)(DC) B
#